data_7N14
#
_entry.id   7N14
#
_cell.length_a   44.194
_cell.length_b   51.525
_cell.length_c   79.127
_cell.angle_alpha   90.000
_cell.angle_beta   92.250
_cell.angle_gamma   90.000
#
_symmetry.space_group_name_H-M   'P 1 21 1'
#
loop_
_entity.id
_entity.type
_entity.pdbx_description
1 polymer 'Cytochrome P450'
2 non-polymer '4-(1H-1,2,4-triazol-1-yl)benzoic acid'
3 non-polymer 'PROTOPORPHYRIN IX CONTAINING FE'
4 non-polymer 'CHLORIDE ION'
5 water water
#
_entity_poly.entity_id   1
_entity_poly.type   'polypeptide(L)'
_entity_poly.pdbx_seq_one_letter_code
;MISNSSAESISAPPNDSTIPHLAIDPFSLDFFDDPYPDQQTLRDAGPVVYLDKWNVYGVARYAEVHAVLNDPTTFCSSRG
VGLSDFKKEKPWRPPSLILEADPPAHTRPRAVLSKVLSPATMKTIRDGFAAAADAKVDELLQRGCIDAIADLAEAYPLSV
FPDAMGLKQEGREHLLPYAGLVFNAFGPPNELRQTAIERSAPHQAYVNEQCQRPNLAPGGFGACIHAFTDTGEITPDEAP
LLVRSLLSAGLDTTVNGIGAAVYCLARFPGELQRLRSDPTLARNAFEEAVRFESPVQTFFRTTTREVELGGAVIGEGEKV
LMFLGSANRDPRRWSDPDLYDITRKTSGHVGFGSGVHMCVGQLVARLEGEVMLSALARKVAAIDIDGPVKRRFNNTLRGL
ESLPVKLTPA
;
_entity_poly.pdbx_strand_id   A
#
# COMPACT_ATOMS: atom_id res chain seq x y z
N THR A 18 -32.77 -3.98 7.38
CA THR A 18 -32.07 -2.92 8.11
C THR A 18 -30.79 -2.52 7.40
N ILE A 19 -29.99 -3.50 7.00
CA ILE A 19 -28.75 -3.25 6.28
C ILE A 19 -29.07 -3.21 4.78
N PRO A 20 -28.69 -2.15 4.07
CA PRO A 20 -28.97 -2.10 2.63
C PRO A 20 -28.09 -3.08 1.88
N HIS A 21 -28.65 -3.68 0.85
CA HIS A 21 -27.96 -4.62 -0.01
C HIS A 21 -27.66 -3.94 -1.34
N LEU A 22 -26.40 -3.96 -1.75
CA LEU A 22 -26.02 -3.35 -3.02
C LEU A 22 -25.40 -4.40 -3.93
N ALA A 23 -25.56 -4.17 -5.23
CA ALA A 23 -25.00 -5.02 -6.27
C ALA A 23 -23.64 -4.54 -6.76
N ILE A 24 -23.13 -3.43 -6.25
CA ILE A 24 -21.84 -2.91 -6.68
C ILE A 24 -20.79 -3.98 -6.50
N ASP A 25 -19.96 -4.18 -7.52
CA ASP A 25 -18.83 -5.10 -7.43
C ASP A 25 -17.56 -4.26 -7.29
N PRO A 26 -17.00 -4.11 -6.08
CA PRO A 26 -15.81 -3.28 -5.90
C PRO A 26 -14.53 -3.92 -6.43
N PHE A 27 -14.63 -5.04 -7.12
CA PHE A 27 -13.47 -5.69 -7.73
C PHE A 27 -13.66 -5.81 -9.24
N SER A 28 -14.58 -5.02 -9.80
CA SER A 28 -14.83 -5.03 -11.24
C SER A 28 -13.97 -3.97 -11.94
N LEU A 29 -13.71 -4.18 -13.21
CA LEU A 29 -12.88 -3.20 -13.94
C LEU A 29 -13.59 -1.86 -14.01
N ASP A 30 -14.90 -1.83 -14.15
CA ASP A 30 -15.59 -0.55 -14.18
C ASP A 30 -15.37 0.23 -12.90
N PHE A 31 -15.43 -0.46 -11.77
CA PHE A 31 -15.19 0.18 -10.48
C PHE A 31 -13.75 0.70 -10.40
N PHE A 32 -12.77 -0.13 -10.76
CA PHE A 32 -11.38 0.35 -10.73
C PHE A 32 -11.19 1.58 -11.62
N ASP A 33 -11.83 1.58 -12.78
CA ASP A 33 -11.65 2.69 -13.72
C ASP A 33 -12.07 4.01 -13.10
N ASP A 34 -13.12 4.01 -12.29
CA ASP A 34 -13.54 5.25 -11.64
C ASP A 34 -14.35 4.87 -10.39
N PRO A 35 -13.69 4.75 -9.24
CA PRO A 35 -14.39 4.22 -8.06
C PRO A 35 -15.17 5.27 -7.31
N TYR A 36 -15.02 6.56 -7.61
CA TYR A 36 -15.46 7.56 -6.65
C TYR A 36 -16.97 7.67 -6.57
N PRO A 37 -17.71 7.64 -7.68
CA PRO A 37 -19.18 7.65 -7.55
C PRO A 37 -19.67 6.45 -6.76
N ASP A 38 -19.21 5.25 -7.09
CA ASP A 38 -19.70 4.08 -6.36
C ASP A 38 -19.30 4.14 -4.89
N GLN A 39 -18.13 4.73 -4.59
CA GLN A 39 -17.75 4.90 -3.19
C GLN A 39 -18.69 5.86 -2.47
N GLN A 40 -19.14 6.93 -3.13
CA GLN A 40 -20.14 7.77 -2.48
C GLN A 40 -21.44 7.00 -2.27
N THR A 41 -21.86 6.23 -3.27
CA THR A 41 -23.07 5.41 -3.10
C THR A 41 -22.94 4.48 -1.89
N LEU A 42 -21.76 3.86 -1.71
CA LEU A 42 -21.55 2.97 -0.56
C LEU A 42 -21.60 3.75 0.76
N ARG A 43 -20.95 4.92 0.82
CA ARG A 43 -21.00 5.70 2.06
C ARG A 43 -22.42 6.13 2.37
N ASP A 44 -23.14 6.62 1.36
CA ASP A 44 -24.41 7.27 1.61
C ASP A 44 -25.54 6.26 1.80
N ALA A 45 -25.31 4.99 1.43
CA ALA A 45 -26.34 3.99 1.64
C ALA A 45 -26.52 3.64 3.12
N GLY A 46 -25.49 3.85 3.94
CA GLY A 46 -25.53 3.47 5.33
C GLY A 46 -24.13 3.24 5.88
N PRO A 47 -23.96 3.30 7.20
CA PRO A 47 -22.64 2.97 7.76
C PRO A 47 -22.18 1.57 7.47
N VAL A 48 -23.09 0.62 7.28
CA VAL A 48 -22.75 -0.77 6.99
C VAL A 48 -23.68 -1.25 5.87
N VAL A 49 -23.08 -1.79 4.82
CA VAL A 49 -23.84 -2.32 3.70
C VAL A 49 -23.54 -3.81 3.56
N TYR A 50 -24.38 -4.49 2.79
CA TYR A 50 -24.12 -5.87 2.39
C TYR A 50 -23.91 -5.92 0.88
N LEU A 51 -22.78 -6.47 0.45
CA LEU A 51 -22.46 -6.58 -0.97
C LEU A 51 -22.88 -7.96 -1.48
N ASP A 52 -24.04 -8.01 -2.15
CA ASP A 52 -24.61 -9.28 -2.60
C ASP A 52 -23.72 -10.02 -3.58
N LYS A 53 -22.85 -9.31 -4.29
CA LYS A 53 -22.00 -9.95 -5.29
C LYS A 53 -21.07 -10.98 -4.66
N TRP A 54 -20.60 -10.70 -3.44
CA TRP A 54 -19.57 -11.53 -2.82
C TRP A 54 -19.95 -11.99 -1.42
N ASN A 55 -21.14 -11.69 -0.94
CA ASN A 55 -21.58 -12.12 0.39
C ASN A 55 -20.62 -11.64 1.48
N VAL A 56 -20.34 -10.34 1.47
CA VAL A 56 -19.53 -9.70 2.50
C VAL A 56 -20.21 -8.42 2.94
N TYR A 57 -19.96 -8.02 4.17
CA TYR A 57 -20.34 -6.70 4.64
C TYR A 57 -19.33 -5.68 4.13
N GLY A 58 -19.79 -4.46 3.93
CA GLY A 58 -18.93 -3.37 3.50
C GLY A 58 -19.09 -2.15 4.38
N VAL A 59 -17.97 -1.45 4.59
N VAL A 59 -17.96 -1.49 4.67
CA VAL A 59 -17.91 -0.24 5.40
CA VAL A 59 -17.97 -0.22 5.40
C VAL A 59 -17.07 0.77 4.64
C VAL A 59 -17.09 0.76 4.63
N ALA A 60 -17.67 1.90 4.26
CA ALA A 60 -16.98 2.86 3.42
C ALA A 60 -16.83 4.24 4.04
N ARG A 61 -17.42 4.50 5.19
CA ARG A 61 -17.22 5.78 5.87
C ARG A 61 -15.97 5.73 6.74
N TYR A 62 -15.37 6.90 6.94
CA TYR A 62 -14.18 7.00 7.78
C TYR A 62 -14.43 6.44 9.17
N ALA A 63 -15.55 6.82 9.80
CA ALA A 63 -15.80 6.44 11.19
C ALA A 63 -15.75 4.93 11.36
N GLU A 64 -16.48 4.19 10.53
CA GLU A 64 -16.54 2.74 10.73
C GLU A 64 -15.26 2.03 10.26
N VAL A 65 -14.62 2.52 9.20
CA VAL A 65 -13.33 1.95 8.81
C VAL A 65 -12.34 2.09 9.95
N HIS A 66 -12.28 3.28 10.55
CA HIS A 66 -11.37 3.52 11.65
C HIS A 66 -11.74 2.66 12.86
N ALA A 67 -13.04 2.51 13.14
CA ALA A 67 -13.45 1.67 14.28
C ALA A 67 -13.06 0.20 14.05
N VAL A 68 -13.27 -0.31 12.84
CA VAL A 68 -12.95 -1.70 12.55
C VAL A 68 -11.45 -1.92 12.69
N LEU A 69 -10.65 -1.08 12.05
CA LEU A 69 -9.20 -1.24 12.13
C LEU A 69 -8.71 -1.29 13.57
N ASN A 70 -9.37 -0.56 14.47
CA ASN A 70 -8.90 -0.42 15.84
C ASN A 70 -9.59 -1.36 16.82
N ASP A 71 -10.30 -2.38 16.33
CA ASP A 71 -10.82 -3.45 17.18
C ASP A 71 -10.37 -4.75 16.55
N PRO A 72 -9.09 -5.11 16.71
CA PRO A 72 -8.57 -6.34 16.09
C PRO A 72 -9.06 -7.61 16.75
N THR A 73 -9.54 -7.54 18.00
CA THR A 73 -10.13 -8.71 18.64
C THR A 73 -11.42 -9.13 17.94
N THR A 74 -12.31 -8.17 17.67
CA THR A 74 -13.58 -8.48 17.05
C THR A 74 -13.39 -8.70 15.55
N PHE A 75 -12.59 -7.85 14.92
CA PHE A 75 -12.40 -7.86 13.47
C PHE A 75 -10.98 -8.38 13.22
N CYS A 76 -10.84 -9.70 13.19
CA CYS A 76 -9.51 -10.27 13.23
C CYS A 76 -8.88 -10.36 11.85
N SER A 77 -7.56 -10.59 11.85
CA SER A 77 -6.77 -10.79 10.64
C SER A 77 -6.32 -12.23 10.40
N SER A 78 -6.36 -13.09 11.42
CA SER A 78 -5.81 -14.44 11.29
C SER A 78 -6.68 -15.35 10.43
N ARG A 79 -7.91 -14.96 10.12
CA ARG A 79 -8.70 -15.71 9.14
C ARG A 79 -8.55 -15.13 7.73
N GLY A 80 -7.53 -14.30 7.52
CA GLY A 80 -7.22 -13.74 6.22
C GLY A 80 -7.73 -12.32 6.08
N VAL A 81 -6.97 -11.48 5.37
CA VAL A 81 -7.39 -10.11 5.08
C VAL A 81 -7.83 -9.97 3.63
N GLY A 82 -7.96 -11.10 2.92
CA GLY A 82 -8.64 -11.15 1.65
C GLY A 82 -10.06 -11.68 1.81
N LEU A 83 -10.72 -11.93 0.68
CA LEU A 83 -12.08 -12.46 0.74
C LEU A 83 -12.09 -13.85 1.36
N SER A 84 -11.06 -14.63 1.05
CA SER A 84 -11.02 -16.02 1.52
C SER A 84 -10.91 -16.08 3.04
N ASP A 85 -11.67 -16.99 3.64
CA ASP A 85 -11.68 -17.22 5.08
C ASP A 85 -10.80 -18.45 5.33
N PHE A 86 -9.67 -18.25 6.03
CA PHE A 86 -8.73 -19.36 6.26
C PHE A 86 -9.34 -20.47 7.10
N LYS A 87 -10.46 -20.20 7.77
CA LYS A 87 -11.20 -21.27 8.45
C LYS A 87 -11.99 -22.13 7.47
N LYS A 88 -12.18 -21.68 6.24
CA LYS A 88 -12.95 -22.41 5.23
C LYS A 88 -12.11 -22.90 4.06
N GLU A 89 -11.11 -22.14 3.64
CA GLU A 89 -10.29 -22.48 2.49
C GLU A 89 -8.81 -22.47 2.89
N LYS A 90 -8.01 -23.16 2.11
CA LYS A 90 -6.57 -23.15 2.35
C LYS A 90 -5.98 -21.87 1.79
N PRO A 91 -5.12 -21.18 2.52
CA PRO A 91 -4.45 -19.99 1.96
C PRO A 91 -3.61 -20.37 0.75
N TRP A 92 -3.50 -19.44 -0.19
CA TRP A 92 -2.75 -19.75 -1.42
C TRP A 92 -1.25 -19.87 -1.18
N ARG A 93 -0.74 -19.32 -0.09
CA ARG A 93 0.63 -19.48 0.36
C ARG A 93 0.58 -19.52 1.88
N PRO A 94 1.63 -20.01 2.54
CA PRO A 94 1.64 -20.02 4.01
C PRO A 94 1.30 -18.65 4.57
N PRO A 95 0.47 -18.58 5.60
CA PRO A 95 0.04 -17.27 6.12
C PRO A 95 1.23 -16.40 6.54
N SER A 96 1.09 -15.09 6.32
CA SER A 96 2.05 -14.14 6.83
C SER A 96 2.02 -14.13 8.35
N LEU A 97 3.21 -14.17 8.96
CA LEU A 97 3.32 -14.19 10.41
C LEU A 97 2.98 -12.86 11.04
N ILE A 98 2.86 -11.80 10.25
CA ILE A 98 2.53 -10.48 10.77
C ILE A 98 1.18 -9.99 10.27
N LEU A 99 0.98 -9.98 8.94
CA LEU A 99 -0.27 -9.45 8.40
C LEU A 99 -1.46 -10.30 8.77
N GLU A 100 -1.29 -11.62 8.75
CA GLU A 100 -2.37 -12.59 8.88
C GLU A 100 -2.27 -13.27 10.24
N ALA A 101 -1.92 -12.48 11.25
CA ALA A 101 -1.84 -12.91 12.64
C ALA A 101 -2.50 -11.86 13.51
N ASP A 102 -3.05 -12.31 14.63
CA ASP A 102 -3.66 -11.45 15.63
C ASP A 102 -2.80 -11.41 16.88
N PRO A 103 -2.96 -10.39 17.70
CA PRO A 103 -2.34 -10.45 19.03
C PRO A 103 -2.86 -11.65 19.80
N PRO A 104 -1.99 -12.34 20.56
CA PRO A 104 -0.59 -12.03 20.82
C PRO A 104 0.41 -12.58 19.81
N ALA A 105 0.02 -13.49 18.92
CA ALA A 105 1.00 -14.04 17.98
C ALA A 105 1.61 -12.96 17.11
N HIS A 106 0.84 -11.92 16.80
CA HIS A 106 1.29 -10.81 15.97
C HIS A 106 2.42 -10.02 16.61
N THR A 107 2.47 -9.98 17.95
CA THR A 107 3.15 -8.90 18.65
C THR A 107 4.66 -8.97 18.50
N ARG A 108 5.25 -10.15 18.62
CA ARG A 108 6.71 -10.17 18.56
C ARG A 108 7.26 -10.04 17.14
N PRO A 109 6.66 -10.71 16.15
CA PRO A 109 7.07 -10.44 14.76
C PRO A 109 6.91 -8.99 14.37
N ARG A 110 5.83 -8.36 14.84
CA ARG A 110 5.65 -6.92 14.61
C ARG A 110 6.80 -6.12 15.21
N ALA A 111 7.18 -6.44 16.44
CA ALA A 111 8.25 -5.69 17.09
C ALA A 111 9.56 -5.85 16.34
N VAL A 112 9.82 -7.04 15.78
CA VAL A 112 11.04 -7.23 15.00
C VAL A 112 11.03 -6.36 13.75
N LEU A 113 9.93 -6.38 12.99
CA LEU A 113 9.89 -5.56 11.78
C LEU A 113 9.94 -4.08 12.13
N SER A 114 9.31 -3.69 13.24
CA SER A 114 9.37 -2.30 13.68
C SER A 114 10.82 -1.88 13.96
N LYS A 115 11.60 -2.75 14.60
CA LYS A 115 13.00 -2.42 14.86
C LYS A 115 13.84 -2.48 13.59
N VAL A 116 13.55 -3.41 12.69
CA VAL A 116 14.29 -3.49 11.43
C VAL A 116 14.07 -2.23 10.60
N LEU A 117 12.85 -1.69 10.61
CA LEU A 117 12.50 -0.51 9.81
C LEU A 117 12.29 0.70 10.72
N SER A 118 13.16 0.86 11.71
CA SER A 118 12.92 1.80 12.80
C SER A 118 13.37 3.21 12.45
N PRO A 119 12.90 4.19 13.21
CA PRO A 119 13.41 5.56 13.06
C PRO A 119 14.91 5.60 12.99
N ALA A 120 15.59 4.86 13.87
CA ALA A 120 17.04 4.84 13.86
C ALA A 120 17.59 4.26 12.55
N THR A 121 16.91 3.25 11.99
CA THR A 121 17.38 2.66 10.74
C THR A 121 17.27 3.65 9.56
N MET A 122 16.26 4.52 9.58
CA MET A 122 16.13 5.44 8.46
C MET A 122 17.36 6.31 8.29
N LYS A 123 18.03 6.64 9.40
CA LYS A 123 19.26 7.42 9.29
C LYS A 123 20.34 6.72 8.47
N THR A 124 20.42 5.38 8.54
CA THR A 124 21.46 4.67 7.80
C THR A 124 21.22 4.68 6.29
N ILE A 125 19.99 4.86 5.82
CA ILE A 125 19.69 4.73 4.40
C ILE A 125 19.33 6.06 3.73
N ARG A 126 19.06 7.11 4.50
CA ARG A 126 18.51 8.34 3.91
C ARG A 126 19.43 8.95 2.86
N ASP A 127 20.75 8.99 3.13
CA ASP A 127 21.63 9.67 2.19
C ASP A 127 21.62 8.97 0.83
N GLY A 128 21.69 7.64 0.84
CA GLY A 128 21.68 6.91 -0.42
C GLY A 128 20.34 6.98 -1.12
N PHE A 129 19.25 6.93 -0.37
CA PHE A 129 17.93 7.06 -0.99
C PHE A 129 17.78 8.43 -1.63
N ALA A 130 18.24 9.48 -0.95
CA ALA A 130 18.13 10.84 -1.48
C ALA A 130 19.01 11.03 -2.71
N ALA A 131 20.27 10.57 -2.64
CA ALA A 131 21.15 10.66 -3.80
C ALA A 131 20.55 9.96 -5.01
N ALA A 132 19.96 8.77 -4.82
CA ALA A 132 19.38 8.04 -5.95
C ALA A 132 18.15 8.75 -6.53
N ALA A 133 17.39 9.43 -5.68
CA ALA A 133 16.24 10.20 -6.16
C ALA A 133 16.69 11.39 -6.99
N ASP A 134 17.66 12.15 -6.47
CA ASP A 134 18.23 13.27 -7.24
C ASP A 134 18.80 12.80 -8.57
N ALA A 135 19.53 11.67 -8.56
CA ALA A 135 20.14 11.15 -9.77
C ALA A 135 19.10 10.74 -10.80
N LYS A 136 18.01 10.10 -10.34
CA LYS A 136 16.94 9.71 -11.27
C LYS A 136 16.29 10.94 -11.90
N VAL A 137 15.99 11.95 -11.10
CA VAL A 137 15.37 13.14 -11.67
C VAL A 137 16.31 13.81 -12.67
N ASP A 138 17.60 13.88 -12.36
CA ASP A 138 18.56 14.43 -13.32
C ASP A 138 18.56 13.61 -14.61
N GLU A 139 18.54 12.28 -14.49
CA GLU A 139 18.51 11.43 -15.67
C GLU A 139 17.25 11.68 -16.47
N LEU A 140 16.10 11.73 -15.80
CA LEU A 140 14.84 11.93 -16.51
C LEU A 140 14.79 13.28 -17.22
N LEU A 141 15.37 14.32 -16.60
CA LEU A 141 15.38 15.64 -17.24
C LEU A 141 16.19 15.64 -18.53
N GLN A 142 17.20 14.78 -18.65
CA GLN A 142 17.95 14.68 -19.89
C GLN A 142 17.09 14.12 -21.01
N ARG A 143 16.14 13.25 -20.69
CA ARG A 143 15.22 12.71 -21.68
C ARG A 143 14.04 13.62 -21.96
N GLY A 144 13.57 14.36 -20.95
CA GLY A 144 12.50 15.32 -21.11
C GLY A 144 11.12 14.68 -21.07
N CYS A 145 10.80 13.89 -22.09
CA CYS A 145 9.54 13.18 -22.17
C CYS A 145 9.76 11.74 -21.71
N ILE A 146 9.09 11.35 -20.64
CA ILE A 146 9.30 10.07 -20.00
C ILE A 146 7.95 9.49 -19.62
N ASP A 147 7.97 8.24 -19.15
CA ASP A 147 6.80 7.59 -18.57
C ASP A 147 6.99 7.61 -17.05
N ALA A 148 6.19 8.41 -16.35
CA ALA A 148 6.40 8.53 -14.91
C ALA A 148 6.09 7.25 -14.15
N ILE A 149 5.55 6.23 -14.81
CA ILE A 149 5.40 4.95 -14.11
C ILE A 149 6.68 4.15 -14.33
N ALA A 150 6.88 3.59 -15.53
CA ALA A 150 8.07 2.75 -15.74
C ALA A 150 9.37 3.47 -15.38
N ASP A 151 9.49 4.75 -15.78
CA ASP A 151 10.78 5.43 -15.68
C ASP A 151 11.01 6.12 -14.34
N LEU A 152 9.99 6.18 -13.48
CA LEU A 152 10.13 6.95 -12.24
C LEU A 152 9.51 6.19 -11.07
N ALA A 153 8.18 6.01 -11.10
CA ALA A 153 7.52 5.35 -9.98
C ALA A 153 8.00 3.93 -9.79
N GLU A 154 8.25 3.20 -10.88
CA GLU A 154 8.87 1.88 -10.79
C GLU A 154 10.38 1.96 -10.66
N ALA A 155 11.04 2.74 -11.53
CA ALA A 155 12.49 2.72 -11.60
C ALA A 155 13.15 3.16 -10.30
N TYR A 156 12.61 4.18 -9.64
CA TYR A 156 13.26 4.67 -8.42
C TYR A 156 13.20 3.64 -7.30
N PRO A 157 12.03 3.14 -6.88
CA PRO A 157 12.04 2.09 -5.85
C PRO A 157 12.86 0.88 -6.24
N LEU A 158 12.84 0.48 -7.52
CA LEU A 158 13.68 -0.64 -7.92
C LEU A 158 15.15 -0.30 -7.73
N SER A 159 15.52 0.98 -7.81
CA SER A 159 16.93 1.32 -7.69
C SER A 159 17.41 1.38 -6.23
N VAL A 160 16.53 1.40 -5.24
CA VAL A 160 16.94 1.53 -3.85
C VAL A 160 16.45 0.38 -2.97
N PHE A 161 15.23 -0.15 -3.21
CA PHE A 161 14.66 -1.05 -2.20
C PHE A 161 15.24 -2.46 -2.27
N PRO A 162 15.34 -3.10 -3.44
CA PRO A 162 16.02 -4.40 -3.49
C PRO A 162 17.41 -4.35 -2.89
N ASP A 163 18.16 -3.28 -3.14
CA ASP A 163 19.48 -3.18 -2.53
C ASP A 163 19.37 -3.03 -1.01
N ALA A 164 18.42 -2.21 -0.53
CA ALA A 164 18.27 -2.07 0.91
C ALA A 164 17.86 -3.40 1.56
N MET A 165 17.13 -4.24 0.83
CA MET A 165 16.78 -5.58 1.30
C MET A 165 18.00 -6.49 1.41
N GLY A 166 19.03 -6.22 0.61
CA GLY A 166 20.15 -7.14 0.50
C GLY A 166 20.02 -8.20 -0.57
N LEU A 167 19.15 -7.99 -1.55
CA LEU A 167 18.94 -8.97 -2.62
C LEU A 167 20.05 -8.92 -3.66
N LYS A 168 20.39 -10.09 -4.21
CA LYS A 168 21.27 -10.13 -5.36
C LYS A 168 20.61 -9.43 -6.55
N GLN A 169 21.41 -9.17 -7.59
CA GLN A 169 20.89 -8.53 -8.80
C GLN A 169 20.01 -9.49 -9.60
N GLU A 170 20.43 -10.75 -9.71
CA GLU A 170 19.74 -11.70 -10.57
C GLU A 170 18.33 -11.95 -10.07
N GLY A 171 17.37 -11.95 -11.00
CA GLY A 171 16.02 -12.34 -10.69
C GLY A 171 15.11 -11.24 -10.17
N ARG A 172 15.57 -10.01 -10.08
CA ARG A 172 14.73 -8.95 -9.52
C ARG A 172 13.48 -8.69 -10.36
N GLU A 173 13.46 -9.12 -11.62
CA GLU A 173 12.27 -8.98 -12.43
C GLU A 173 11.06 -9.73 -11.85
N HIS A 174 11.29 -10.64 -10.89
CA HIS A 174 10.20 -11.36 -10.24
C HIS A 174 9.48 -10.54 -9.16
N LEU A 175 10.05 -9.41 -8.73
CA LEU A 175 9.55 -8.77 -7.52
C LEU A 175 8.20 -8.10 -7.76
N LEU A 176 8.10 -7.29 -8.82
CA LEU A 176 6.82 -6.62 -9.02
C LEU A 176 5.73 -7.62 -9.38
N PRO A 177 6.00 -8.63 -10.21
CA PRO A 177 4.95 -9.64 -10.47
C PRO A 177 4.52 -10.36 -9.20
N TYR A 178 5.45 -10.71 -8.31
CA TYR A 178 5.06 -11.38 -7.07
C TYR A 178 4.17 -10.49 -6.23
N ALA A 179 4.56 -9.21 -6.07
CA ALA A 179 3.73 -8.29 -5.29
C ALA A 179 2.34 -8.12 -5.92
N GLY A 180 2.27 -7.97 -7.24
CA GLY A 180 0.97 -7.85 -7.87
C GLY A 180 0.10 -9.07 -7.59
N LEU A 181 0.73 -10.25 -7.60
CA LEU A 181 0.04 -11.48 -7.24
C LEU A 181 -0.49 -11.41 -5.81
N VAL A 182 0.36 -11.01 -4.87
CA VAL A 182 -0.06 -10.94 -3.47
C VAL A 182 -1.31 -10.08 -3.35
N PHE A 183 -1.28 -8.89 -3.94
CA PHE A 183 -2.41 -7.99 -3.77
C PHE A 183 -3.64 -8.41 -4.59
N ASN A 184 -3.45 -9.02 -5.77
CA ASN A 184 -4.60 -9.60 -6.46
C ASN A 184 -5.24 -10.73 -5.66
N ALA A 185 -4.42 -11.48 -4.91
CA ALA A 185 -4.92 -12.64 -4.17
C ALA A 185 -5.75 -12.27 -2.94
N PHE A 186 -5.69 -11.01 -2.48
CA PHE A 186 -6.65 -10.59 -1.46
C PHE A 186 -8.06 -10.47 -2.03
N GLY A 187 -8.21 -10.42 -3.34
CA GLY A 187 -9.51 -10.21 -3.94
C GLY A 187 -10.30 -11.49 -3.98
N PRO A 188 -11.50 -11.38 -4.56
CA PRO A 188 -12.34 -12.56 -4.77
C PRO A 188 -11.78 -13.40 -5.89
N PRO A 189 -12.30 -14.61 -6.10
CA PRO A 189 -11.79 -15.49 -7.15
C PRO A 189 -12.30 -15.08 -8.54
N ASN A 190 -11.99 -13.84 -8.92
CA ASN A 190 -12.29 -13.34 -10.25
C ASN A 190 -11.11 -13.65 -11.18
N GLU A 191 -11.19 -13.15 -12.42
CA GLU A 191 -10.15 -13.48 -13.39
C GLU A 191 -8.81 -12.87 -13.01
N LEU A 192 -8.81 -11.65 -12.47
CA LEU A 192 -7.54 -11.07 -12.03
C LEU A 192 -6.85 -11.98 -11.03
N ARG A 193 -7.60 -12.53 -10.07
CA ARG A 193 -6.97 -13.38 -9.07
C ARG A 193 -6.58 -14.73 -9.65
N GLN A 194 -7.46 -15.34 -10.43
CA GLN A 194 -7.16 -16.68 -10.92
C GLN A 194 -5.97 -16.68 -11.87
N THR A 195 -5.89 -15.67 -12.73
CA THR A 195 -4.75 -15.55 -13.63
C THR A 195 -3.45 -15.32 -12.87
N ALA A 196 -3.49 -14.48 -11.83
CA ALA A 196 -2.27 -14.23 -11.07
C ALA A 196 -1.76 -15.52 -10.45
N ILE A 197 -2.64 -16.27 -9.80
CA ILE A 197 -2.21 -17.51 -9.17
C ILE A 197 -1.72 -18.49 -10.23
N GLU A 198 -2.35 -18.49 -11.42
CA GLU A 198 -1.93 -19.44 -12.45
C GLU A 198 -0.49 -19.22 -12.87
N ARG A 199 -0.03 -17.97 -12.86
CA ARG A 199 1.29 -17.60 -13.33
C ARG A 199 2.33 -17.55 -12.21
N SER A 200 1.95 -17.91 -10.98
CA SER A 200 2.73 -17.51 -9.82
C SER A 200 3.96 -18.37 -9.56
N ALA A 201 3.99 -19.62 -10.02
CA ALA A 201 5.00 -20.56 -9.55
C ALA A 201 6.42 -20.02 -9.64
N PRO A 202 6.86 -19.44 -10.76
CA PRO A 202 8.26 -18.95 -10.83
C PRO A 202 8.54 -17.81 -9.87
N HIS A 203 7.57 -16.92 -9.65
CA HIS A 203 7.79 -15.80 -8.76
C HIS A 203 7.84 -16.25 -7.31
N GLN A 204 6.96 -17.18 -6.92
CA GLN A 204 7.03 -17.76 -5.58
C GLN A 204 8.37 -18.44 -5.35
N ALA A 205 8.84 -19.22 -6.33
CA ALA A 205 10.10 -19.93 -6.17
C ALA A 205 11.25 -18.96 -5.96
N TYR A 206 11.32 -17.92 -6.77
CA TYR A 206 12.37 -16.93 -6.60
C TYR A 206 12.29 -16.28 -5.22
N VAL A 207 11.11 -15.78 -4.84
CA VAL A 207 10.98 -15.01 -3.61
C VAL A 207 11.29 -15.87 -2.40
N ASN A 208 10.74 -17.10 -2.36
CA ASN A 208 10.99 -17.95 -1.21
C ASN A 208 12.48 -18.23 -1.04
N GLU A 209 13.19 -18.43 -2.15
CA GLU A 209 14.62 -18.69 -2.06
C GLU A 209 15.39 -17.48 -1.53
N GLN A 210 15.05 -16.27 -1.96
CA GLN A 210 15.80 -15.11 -1.49
C GLN A 210 15.57 -14.85 -0.01
N CYS A 211 14.57 -15.51 0.59
CA CYS A 211 14.27 -15.28 2.00
C CYS A 211 15.21 -16.04 2.93
N GLN A 212 15.98 -16.98 2.40
CA GLN A 212 16.90 -17.77 3.22
C GLN A 212 18.13 -16.95 3.57
N ARG A 213 18.60 -17.11 4.80
CA ARG A 213 19.65 -16.25 5.32
C ARG A 213 20.88 -16.13 4.42
N PRO A 214 21.40 -17.18 3.79
CA PRO A 214 22.63 -17.04 2.99
C PRO A 214 22.47 -16.14 1.78
N ASN A 215 21.25 -15.84 1.36
CA ASN A 215 21.02 -15.10 0.13
C ASN A 215 20.76 -13.62 0.38
N LEU A 216 20.91 -13.14 1.62
CA LEU A 216 20.65 -11.75 1.96
C LEU A 216 21.93 -11.07 2.42
N ALA A 217 22.29 -9.99 1.73
CA ALA A 217 23.59 -9.37 1.91
C ALA A 217 23.69 -8.71 3.29
N PRO A 218 24.90 -8.69 3.87
CA PRO A 218 25.05 -8.15 5.22
C PRO A 218 24.58 -6.71 5.31
N GLY A 219 24.01 -6.35 6.47
CA GLY A 219 23.56 -4.99 6.71
C GLY A 219 22.22 -4.61 6.10
N GLY A 220 21.65 -5.42 5.21
CA GLY A 220 20.34 -5.11 4.65
C GLY A 220 19.19 -5.55 5.55
N PHE A 221 17.98 -5.17 5.13
CA PHE A 221 16.79 -5.47 5.95
C PHE A 221 16.65 -6.96 6.18
N GLY A 222 16.88 -7.76 5.13
CA GLY A 222 16.73 -9.20 5.26
C GLY A 222 17.67 -9.79 6.27
N ALA A 223 18.96 -9.42 6.19
CA ALA A 223 19.92 -9.95 7.14
C ALA A 223 19.59 -9.48 8.55
N CYS A 224 19.08 -8.25 8.69
CA CYS A 224 18.73 -7.77 10.03
CA CYS A 224 18.75 -7.78 10.03
C CYS A 224 17.56 -8.54 10.62
N ILE A 225 16.62 -8.97 9.79
CA ILE A 225 15.54 -9.83 10.31
C ILE A 225 16.14 -11.13 10.84
N HIS A 226 16.98 -11.78 10.04
CA HIS A 226 17.60 -13.02 10.52
C HIS A 226 18.43 -12.79 11.78
N ALA A 227 19.08 -11.63 11.91
CA ALA A 227 19.87 -11.37 13.11
C ALA A 227 19.00 -11.27 14.36
N PHE A 228 17.71 -10.97 14.23
CA PHE A 228 16.85 -10.90 15.40
C PHE A 228 16.42 -12.26 15.91
N THR A 229 16.80 -13.35 15.23
CA THR A 229 16.38 -14.69 15.61
C THR A 229 17.11 -15.20 16.83
N ASP A 230 18.04 -14.42 17.40
N ASP A 230 18.02 -14.46 17.45
CA ASP A 230 18.78 -14.77 18.61
CA ASP A 230 18.63 -14.96 18.68
C ASP A 230 18.14 -14.22 19.88
C ASP A 230 18.25 -14.13 19.89
N THR A 231 17.28 -13.22 19.76
CA THR A 231 16.81 -12.44 20.90
C THR A 231 15.64 -13.07 21.64
N GLY A 232 15.05 -14.13 21.08
CA GLY A 232 13.82 -14.67 21.64
C GLY A 232 12.57 -14.03 21.11
N GLU A 233 12.68 -13.06 20.20
CA GLU A 233 11.48 -12.47 19.62
C GLU A 233 10.93 -13.32 18.49
N ILE A 234 11.79 -13.81 17.62
CA ILE A 234 11.43 -14.75 16.56
C ILE A 234 12.46 -15.86 16.53
N THR A 235 12.03 -17.01 16.08
CA THR A 235 12.96 -18.11 15.90
C THR A 235 13.51 -18.11 14.48
N PRO A 236 14.61 -18.84 14.25
CA PRO A 236 15.18 -18.90 12.91
C PRO A 236 14.20 -19.30 11.82
N ASP A 237 13.28 -20.24 12.10
CA ASP A 237 12.34 -20.64 11.07
C ASP A 237 11.26 -19.60 10.78
N GLU A 238 11.15 -18.56 11.60
CA GLU A 238 10.23 -17.45 11.31
C GLU A 238 10.83 -16.38 10.42
N ALA A 239 12.16 -16.27 10.39
CA ALA A 239 12.77 -15.16 9.68
C ALA A 239 12.50 -15.19 8.18
N PRO A 240 12.56 -16.32 7.47
CA PRO A 240 12.28 -16.26 6.03
C PRO A 240 10.90 -15.71 5.71
N LEU A 241 9.86 -16.11 6.45
CA LEU A 241 8.53 -15.56 6.19
C LEU A 241 8.45 -14.07 6.49
N LEU A 242 9.25 -13.56 7.43
CA LEU A 242 9.21 -12.12 7.67
C LEU A 242 9.97 -11.35 6.59
N VAL A 243 11.04 -11.93 6.04
CA VAL A 243 11.61 -11.34 4.83
C VAL A 243 10.59 -11.35 3.71
N ARG A 244 9.85 -12.46 3.58
CA ARG A 244 8.79 -12.54 2.59
C ARG A 244 7.81 -11.38 2.73
N SER A 245 7.50 -11.00 3.97
CA SER A 245 6.57 -9.90 4.19
C SER A 245 7.07 -8.61 3.56
N LEU A 246 8.37 -8.32 3.70
CA LEU A 246 8.87 -7.05 3.17
C LEU A 246 8.91 -7.08 1.64
N LEU A 247 9.27 -8.23 1.07
CA LEU A 247 9.24 -8.37 -0.38
C LEU A 247 7.82 -8.37 -0.93
N SER A 248 6.84 -8.78 -0.12
CA SER A 248 5.45 -8.74 -0.57
C SER A 248 4.90 -7.32 -0.53
N ALA A 249 5.16 -6.62 0.56
CA ALA A 249 4.42 -5.42 0.94
C ALA A 249 5.16 -4.12 0.65
N GLY A 250 6.45 -4.19 0.36
CA GLY A 250 7.23 -2.97 0.42
C GLY A 250 7.71 -2.39 -0.88
N LEU A 251 7.38 -3.00 -2.03
CA LEU A 251 7.80 -2.47 -3.32
C LEU A 251 6.65 -1.89 -4.13
N ASP A 252 5.68 -2.74 -4.52
N ASP A 252 5.67 -2.70 -4.55
CA ASP A 252 4.57 -2.31 -5.37
CA ASP A 252 4.66 -2.16 -5.45
C ASP A 252 3.79 -1.18 -4.73
C ASP A 252 3.71 -1.19 -4.74
N THR A 253 3.66 -1.20 -3.40
CA THR A 253 2.95 -0.15 -2.69
C THR A 253 3.64 1.19 -2.88
N THR A 254 4.97 1.23 -2.73
CA THR A 254 5.70 2.48 -2.92
C THR A 254 5.67 2.92 -4.38
N VAL A 255 5.69 1.99 -5.32
CA VAL A 255 5.55 2.35 -6.72
C VAL A 255 4.26 3.12 -6.95
N ASN A 256 3.15 2.57 -6.47
CA ASN A 256 1.88 3.25 -6.66
C ASN A 256 1.78 4.53 -5.85
N GLY A 257 2.41 4.58 -4.67
CA GLY A 257 2.40 5.82 -3.91
C GLY A 257 3.15 6.94 -4.62
N ILE A 258 4.37 6.65 -5.08
CA ILE A 258 5.12 7.68 -5.82
C ILE A 258 4.40 8.04 -7.12
N GLY A 259 3.89 7.03 -7.83
CA GLY A 259 3.10 7.29 -9.02
C GLY A 259 1.92 8.21 -8.74
N ALA A 260 1.21 7.95 -7.64
CA ALA A 260 0.07 8.81 -7.28
C ALA A 260 0.53 10.23 -7.05
N ALA A 261 1.66 10.42 -6.36
CA ALA A 261 2.15 11.77 -6.08
C ALA A 261 2.50 12.51 -7.37
N VAL A 262 3.19 11.83 -8.29
CA VAL A 262 3.50 12.50 -9.55
C VAL A 262 2.21 12.79 -10.32
N TYR A 263 1.28 11.84 -10.33
CA TYR A 263 0.01 12.08 -10.99
C TYR A 263 -0.70 13.30 -10.39
N CYS A 264 -0.66 13.43 -9.07
CA CYS A 264 -1.29 14.58 -8.44
C CYS A 264 -0.61 15.88 -8.84
N LEU A 265 0.72 15.89 -8.81
CA LEU A 265 1.43 17.11 -9.17
C LEU A 265 1.20 17.48 -10.64
N ALA A 266 1.06 16.47 -11.50
CA ALA A 266 0.79 16.70 -12.91
C ALA A 266 -0.60 17.28 -13.13
N ARG A 267 -1.59 16.84 -12.35
CA ARG A 267 -2.97 17.29 -12.53
C ARG A 267 -3.24 18.62 -11.84
N PHE A 268 -2.49 18.92 -10.78
CA PHE A 268 -2.72 20.10 -9.94
C PHE A 268 -1.47 20.97 -9.99
N PRO A 269 -1.25 21.67 -11.10
CA PRO A 269 -0.01 22.47 -11.22
C PRO A 269 0.15 23.52 -10.14
N GLY A 270 -0.95 24.07 -9.62
CA GLY A 270 -0.83 25.02 -8.53
C GLY A 270 -0.15 24.42 -7.32
N GLU A 271 -0.36 23.14 -7.07
CA GLU A 271 0.30 22.51 -5.94
C GLU A 271 1.76 22.20 -6.24
N LEU A 272 2.09 21.87 -7.50
CA LEU A 272 3.50 21.77 -7.85
C LEU A 272 4.20 23.09 -7.59
N GLN A 273 3.55 24.20 -7.93
CA GLN A 273 4.18 25.49 -7.73
CA GLN A 273 4.18 25.49 -7.73
C GLN A 273 4.38 25.79 -6.25
N ARG A 274 3.42 25.40 -5.41
CA ARG A 274 3.65 25.62 -3.98
C ARG A 274 4.79 24.74 -3.49
N LEU A 275 4.87 23.51 -3.99
CA LEU A 275 5.93 22.60 -3.54
C LEU A 275 7.30 23.13 -3.97
N ARG A 276 7.42 23.63 -5.20
CA ARG A 276 8.68 24.25 -5.62
C ARG A 276 9.03 25.41 -4.70
N SER A 277 8.04 26.18 -4.29
CA SER A 277 8.34 27.37 -3.49
C SER A 277 8.77 27.03 -2.07
N ASP A 278 8.37 25.87 -1.56
CA ASP A 278 8.86 25.40 -0.25
C ASP A 278 9.06 23.89 -0.30
N PRO A 279 10.26 23.44 -0.69
CA PRO A 279 10.48 21.98 -0.83
C PRO A 279 10.35 21.24 0.49
N THR A 280 10.29 21.92 1.63
CA THR A 280 10.09 21.18 2.87
C THR A 280 8.66 20.66 3.01
N LEU A 281 7.76 21.07 2.12
CA LEU A 281 6.44 20.47 2.03
C LEU A 281 6.45 19.09 1.37
N ALA A 282 7.62 18.59 0.96
CA ALA A 282 7.70 17.34 0.20
C ALA A 282 7.07 16.18 0.96
N ARG A 283 7.37 16.06 2.25
CA ARG A 283 6.86 14.92 3.02
C ARG A 283 5.34 14.98 3.12
N ASN A 284 4.79 16.18 3.37
CA ASN A 284 3.35 16.26 3.47
C ASN A 284 2.68 16.16 2.10
N ALA A 285 3.35 16.61 1.04
CA ALA A 285 2.79 16.43 -0.29
C ALA A 285 2.66 14.94 -0.62
N PHE A 286 3.65 14.13 -0.20
CA PHE A 286 3.54 12.70 -0.41
C PHE A 286 2.44 12.09 0.46
N GLU A 287 2.37 12.48 1.74
CA GLU A 287 1.32 11.95 2.60
C GLU A 287 -0.06 12.28 2.05
N GLU A 288 -0.23 13.50 1.54
CA GLU A 288 -1.51 13.88 0.96
C GLU A 288 -1.82 13.04 -0.27
N ALA A 289 -0.77 12.71 -1.06
CA ALA A 289 -0.99 11.85 -2.22
C ALA A 289 -1.44 10.47 -1.78
N VAL A 290 -0.92 9.98 -0.66
CA VAL A 290 -1.34 8.68 -0.16
C VAL A 290 -2.81 8.74 0.27
N ARG A 291 -3.23 9.83 0.91
CA ARG A 291 -4.64 9.99 1.24
C ARG A 291 -5.49 10.06 -0.01
N PHE A 292 -5.06 10.87 -0.98
CA PHE A 292 -5.88 11.24 -2.12
C PHE A 292 -6.07 10.08 -3.09
N GLU A 293 -5.01 9.33 -3.37
CA GLU A 293 -5.14 8.19 -4.28
C GLU A 293 -5.23 6.85 -3.57
N SER A 294 -4.83 6.78 -2.31
CA SER A 294 -4.82 5.55 -1.51
C SER A 294 -4.37 4.32 -2.31
N PRO A 295 -3.05 4.11 -2.43
CA PRO A 295 -2.54 2.97 -3.21
C PRO A 295 -3.12 1.63 -2.81
N VAL A 296 -3.31 1.42 -1.51
CA VAL A 296 -4.02 0.24 -1.02
C VAL A 296 -5.46 0.67 -0.77
N GLN A 297 -6.37 0.15 -1.60
CA GLN A 297 -7.75 0.65 -1.61
C GLN A 297 -8.64 -0.01 -0.57
N THR A 298 -8.42 -1.30 -0.31
CA THR A 298 -9.36 -2.11 0.43
C THR A 298 -8.61 -3.22 1.13
N PHE A 299 -9.22 -3.71 2.22
N PHE A 299 -9.25 -3.77 2.14
CA PHE A 299 -8.76 -4.82 3.03
CA PHE A 299 -8.96 -5.15 2.50
C PHE A 299 -9.99 -5.49 3.63
C PHE A 299 -9.94 -5.52 3.58
N PHE A 300 -9.84 -6.75 4.07
CA PHE A 300 -10.91 -7.40 4.82
C PHE A 300 -10.48 -7.68 6.26
N ARG A 301 -11.49 -7.89 7.10
CA ARG A 301 -11.36 -8.53 8.40
C ARG A 301 -12.42 -9.62 8.49
N THR A 302 -12.32 -10.48 9.50
CA THR A 302 -13.35 -11.49 9.75
C THR A 302 -13.83 -11.32 11.19
N THR A 303 -15.15 -11.27 11.39
CA THR A 303 -15.68 -11.11 12.73
C THR A 303 -15.49 -12.40 13.54
N THR A 304 -15.14 -12.23 14.82
CA THR A 304 -14.95 -13.36 15.72
C THR A 304 -16.12 -13.56 16.66
N ARG A 305 -17.09 -12.66 16.63
CA ARG A 305 -18.32 -12.77 17.41
C ARG A 305 -19.37 -11.95 16.70
N GLU A 306 -20.62 -12.11 17.13
CA GLU A 306 -21.64 -11.14 16.74
C GLU A 306 -21.25 -9.77 17.27
N VAL A 307 -21.47 -8.73 16.46
CA VAL A 307 -21.01 -7.39 16.79
C VAL A 307 -21.98 -6.37 16.24
N GLU A 308 -22.15 -5.28 16.98
CA GLU A 308 -22.90 -4.12 16.54
C GLU A 308 -21.91 -3.10 15.99
N LEU A 309 -22.09 -2.71 14.74
CA LEU A 309 -21.23 -1.72 14.10
C LEU A 309 -22.10 -0.72 13.35
N GLY A 310 -21.98 0.56 13.72
CA GLY A 310 -22.83 1.57 13.14
C GLY A 310 -24.29 1.19 13.11
N GLY A 311 -24.82 0.72 14.24
CA GLY A 311 -26.22 0.37 14.36
C GLY A 311 -26.64 -0.93 13.72
N ALA A 312 -25.75 -1.60 12.99
CA ALA A 312 -26.10 -2.88 12.37
C ALA A 312 -25.47 -4.02 13.16
N VAL A 313 -26.11 -5.18 13.09
CA VAL A 313 -25.62 -6.38 13.77
C VAL A 313 -25.00 -7.28 12.71
N ILE A 314 -23.75 -7.65 12.92
CA ILE A 314 -23.01 -8.54 12.04
C ILE A 314 -22.73 -9.82 12.81
N GLY A 315 -23.05 -10.97 12.21
CA GLY A 315 -22.83 -12.24 12.86
C GLY A 315 -21.36 -12.62 12.96
N GLU A 316 -21.09 -13.67 13.74
CA GLU A 316 -19.75 -14.24 13.84
C GLU A 316 -19.33 -14.86 12.51
N GLY A 317 -18.02 -14.80 12.25
CA GLY A 317 -17.47 -15.50 11.09
C GLY A 317 -17.79 -14.86 9.76
N GLU A 318 -18.03 -13.56 9.74
CA GLU A 318 -18.41 -12.83 8.53
C GLU A 318 -17.23 -12.01 8.04
N LYS A 319 -17.06 -11.97 6.72
CA LYS A 319 -16.05 -11.10 6.11
C LYS A 319 -16.58 -9.69 6.01
N VAL A 320 -15.74 -8.73 6.35
CA VAL A 320 -16.08 -7.31 6.32
C VAL A 320 -15.04 -6.62 5.45
N LEU A 321 -15.50 -5.94 4.41
CA LEU A 321 -14.63 -5.24 3.47
C LEU A 321 -14.59 -3.76 3.82
N MET A 322 -13.39 -3.22 4.05
N MET A 322 -13.39 -3.25 4.11
CA MET A 322 -13.22 -1.83 4.43
CA MET A 322 -13.17 -1.85 4.39
C MET A 322 -12.58 -1.05 3.29
C MET A 322 -12.71 -1.13 3.14
N PHE A 323 -13.18 0.10 2.96
CA PHE A 323 -12.77 0.93 1.83
C PHE A 323 -11.89 2.05 2.37
N LEU A 324 -10.57 1.81 2.37
CA LEU A 324 -9.61 2.83 2.83
C LEU A 324 -9.67 4.09 1.97
N GLY A 325 -9.68 3.91 0.65
CA GLY A 325 -9.71 5.08 -0.22
C GLY A 325 -10.97 5.90 -0.03
N SER A 326 -12.10 5.22 0.19
CA SER A 326 -13.35 5.93 0.47
C SER A 326 -13.29 6.67 1.80
N ALA A 327 -12.77 6.01 2.84
CA ALA A 327 -12.63 6.66 4.14
C ALA A 327 -11.78 7.92 4.03
N ASN A 328 -10.75 7.89 3.18
CA ASN A 328 -9.88 9.01 2.95
C ASN A 328 -10.51 10.10 2.13
N ARG A 329 -11.71 9.87 1.58
CA ARG A 329 -12.44 10.90 0.85
C ARG A 329 -13.80 11.20 1.45
N ASP A 330 -14.06 10.72 2.67
CA ASP A 330 -15.36 10.87 3.30
C ASP A 330 -15.57 12.31 3.74
N PRO A 331 -16.54 13.05 3.19
CA PRO A 331 -16.74 14.45 3.61
C PRO A 331 -17.19 14.58 5.06
N ARG A 332 -17.66 13.49 5.67
CA ARG A 332 -17.96 13.51 7.09
C ARG A 332 -16.72 13.74 7.93
N ARG A 333 -15.54 13.46 7.37
CA ARG A 333 -14.26 13.58 8.05
C ARG A 333 -13.36 14.64 7.45
N TRP A 334 -13.38 14.85 6.14
CA TRP A 334 -12.43 15.73 5.46
C TRP A 334 -13.14 16.92 4.82
N SER A 335 -12.53 18.09 4.93
N SER A 335 -12.54 18.11 4.96
CA SER A 335 -12.98 19.26 4.18
CA SER A 335 -12.98 19.25 4.18
C SER A 335 -12.41 19.20 2.77
C SER A 335 -12.43 19.12 2.76
N ASP A 336 -13.28 19.40 1.78
CA ASP A 336 -12.90 19.32 0.38
C ASP A 336 -12.10 18.05 0.11
N PRO A 337 -12.68 16.88 0.39
CA PRO A 337 -11.88 15.64 0.33
C PRO A 337 -11.34 15.35 -1.04
N ASP A 338 -11.99 15.86 -2.08
CA ASP A 338 -11.60 15.57 -3.45
C ASP A 338 -10.60 16.58 -3.99
N LEU A 339 -10.04 17.43 -3.13
CA LEU A 339 -8.96 18.32 -3.52
C LEU A 339 -7.63 17.79 -3.01
N TYR A 340 -6.60 17.93 -3.83
CA TYR A 340 -5.22 17.60 -3.47
C TYR A 340 -4.58 18.86 -2.87
N ASP A 341 -4.28 18.83 -1.57
CA ASP A 341 -3.84 20.01 -0.84
C ASP A 341 -2.57 19.67 -0.06
N ILE A 342 -1.41 20.12 -0.54
CA ILE A 342 -0.16 19.67 0.07
C ILE A 342 0.08 20.27 1.44
N THR A 343 -0.73 21.25 1.88
CA THR A 343 -0.63 21.73 3.26
C THR A 343 -1.76 21.21 4.15
N ARG A 344 -2.59 20.29 3.66
CA ARG A 344 -3.65 19.69 4.48
C ARG A 344 -3.07 19.05 5.74
N LYS A 345 -3.82 19.15 6.83
CA LYS A 345 -3.51 18.34 8.01
C LYS A 345 -3.98 16.92 7.69
N THR A 346 -3.03 16.06 7.32
CA THR A 346 -3.32 14.71 6.87
C THR A 346 -3.38 13.70 7.99
N SER A 347 -3.01 14.08 9.21
N SER A 347 -3.03 14.09 9.21
N SER A 347 -3.03 14.09 9.21
CA SER A 347 -3.00 13.14 10.32
CA SER A 347 -3.01 13.14 10.33
CA SER A 347 -3.00 13.13 10.31
C SER A 347 -4.37 12.51 10.50
C SER A 347 -4.37 12.51 10.49
C SER A 347 -4.37 12.50 10.50
N GLY A 348 -4.39 11.18 10.58
CA GLY A 348 -5.61 10.43 10.70
C GLY A 348 -6.06 9.75 9.43
N HIS A 349 -5.45 10.05 8.29
CA HIS A 349 -5.84 9.27 7.11
C HIS A 349 -5.48 7.82 7.35
N VAL A 350 -6.19 6.94 6.63
CA VAL A 350 -6.03 5.50 6.81
C VAL A 350 -5.33 4.85 5.62
N GLY A 351 -4.59 5.63 4.83
CA GLY A 351 -3.88 5.07 3.68
C GLY A 351 -2.79 4.07 4.07
N PHE A 352 -2.25 4.19 5.28
CA PHE A 352 -1.34 3.20 5.84
C PHE A 352 -2.03 2.29 6.87
N GLY A 353 -3.36 2.33 6.93
CA GLY A 353 -4.06 1.59 7.97
C GLY A 353 -4.11 2.40 9.26
N SER A 354 -4.39 1.69 10.35
CA SER A 354 -4.53 2.32 11.66
C SER A 354 -4.56 1.20 12.70
N GLY A 355 -3.96 1.47 13.85
CA GLY A 355 -3.93 0.47 14.90
C GLY A 355 -2.74 -0.46 14.86
N VAL A 356 -2.94 -1.71 15.33
CA VAL A 356 -1.78 -2.57 15.61
C VAL A 356 -1.09 -3.03 14.35
N HIS A 357 -1.80 -3.08 13.23
CA HIS A 357 -1.21 -3.47 11.94
C HIS A 357 -0.81 -2.28 11.09
N MET A 358 -0.95 -1.06 11.59
CA MET A 358 -0.66 0.12 10.77
C MET A 358 0.72 -0.03 10.15
N CYS A 359 0.80 0.22 8.84
CA CYS A 359 1.96 -0.17 8.03
C CYS A 359 3.30 -0.08 8.74
N VAL A 360 3.95 -1.23 8.98
CA VAL A 360 5.22 -1.21 9.70
C VAL A 360 6.33 -0.61 8.85
N GLY A 361 6.15 -0.57 7.53
CA GLY A 361 7.13 0.07 6.69
C GLY A 361 6.83 1.52 6.33
N GLN A 362 5.95 2.20 7.09
CA GLN A 362 5.55 3.56 6.71
C GLN A 362 6.73 4.53 6.69
N LEU A 363 7.76 4.30 7.51
CA LEU A 363 8.90 5.22 7.48
C LEU A 363 9.73 5.04 6.21
N VAL A 364 9.83 3.81 5.69
CA VAL A 364 10.49 3.61 4.40
C VAL A 364 9.69 4.26 3.28
N ALA A 365 8.37 4.04 3.28
CA ALA A 365 7.49 4.64 2.28
C ALA A 365 7.63 6.16 2.27
N ARG A 366 7.55 6.76 3.46
CA ARG A 366 7.62 8.21 3.54
C ARG A 366 8.99 8.71 3.13
N LEU A 367 10.05 7.98 3.48
CA LEU A 367 11.38 8.41 3.10
C LEU A 367 11.52 8.44 1.57
N GLU A 368 11.12 7.36 0.91
CA GLU A 368 11.18 7.31 -0.56
C GLU A 368 10.35 8.44 -1.17
N GLY A 369 9.11 8.58 -0.72
CA GLY A 369 8.25 9.61 -1.29
C GLY A 369 8.82 10.99 -1.06
N GLU A 370 9.27 11.26 0.17
CA GLU A 370 9.83 12.57 0.47
C GLU A 370 11.00 12.89 -0.43
N VAL A 371 11.97 11.98 -0.53
CA VAL A 371 13.20 12.37 -1.23
C VAL A 371 12.93 12.51 -2.72
N MET A 372 11.99 11.74 -3.25
CA MET A 372 11.64 11.90 -4.67
C MET A 372 10.93 13.23 -4.88
N LEU A 373 9.95 13.56 -4.05
CA LEU A 373 9.26 14.83 -4.24
C LEU A 373 10.19 16.02 -3.96
N SER A 374 11.19 15.85 -3.10
CA SER A 374 12.20 16.90 -2.89
C SER A 374 13.01 17.13 -4.16
N ALA A 375 13.47 16.04 -4.78
CA ALA A 375 14.20 16.15 -6.04
C ALA A 375 13.36 16.86 -7.10
N LEU A 376 12.09 16.47 -7.25
CA LEU A 376 11.23 17.16 -8.21
C LEU A 376 11.05 18.63 -7.84
N ALA A 377 10.87 18.92 -6.55
CA ALA A 377 10.64 20.30 -6.12
C ALA A 377 11.81 21.18 -6.48
N ARG A 378 13.02 20.65 -6.35
CA ARG A 378 14.21 21.46 -6.59
C ARG A 378 14.63 21.52 -8.04
N LYS A 379 14.24 20.54 -8.86
CA LYS A 379 14.82 20.39 -10.19
C LYS A 379 13.83 20.57 -11.33
N VAL A 380 12.52 20.54 -11.08
CA VAL A 380 11.53 20.50 -12.14
C VAL A 380 10.65 21.73 -12.03
N ALA A 381 10.41 22.39 -13.17
CA ALA A 381 9.53 23.55 -13.21
C ALA A 381 8.11 23.21 -13.63
N ALA A 382 7.90 22.22 -14.48
CA ALA A 382 6.57 21.84 -14.89
C ALA A 382 6.52 20.33 -15.12
N ILE A 383 5.32 19.77 -14.91
CA ILE A 383 5.03 18.35 -15.20
C ILE A 383 3.74 18.35 -16.00
N ASP A 384 3.83 18.01 -17.29
CA ASP A 384 2.70 18.12 -18.19
C ASP A 384 2.41 16.75 -18.79
N ILE A 385 1.19 16.24 -18.57
CA ILE A 385 0.81 15.00 -19.22
C ILE A 385 0.85 15.22 -20.72
N ASP A 386 1.50 14.32 -21.45
CA ASP A 386 1.66 14.51 -22.89
C ASP A 386 1.45 13.22 -23.65
N GLY A 387 0.58 12.34 -23.14
CA GLY A 387 0.27 11.09 -23.78
C GLY A 387 -0.89 10.42 -23.09
N PRO A 388 -1.40 9.35 -23.67
CA PRO A 388 -2.54 8.64 -23.08
C PRO A 388 -2.19 8.07 -21.72
N VAL A 389 -3.05 8.33 -20.74
CA VAL A 389 -2.87 7.78 -19.39
C VAL A 389 -3.59 6.44 -19.33
N LYS A 390 -2.88 5.42 -18.84
CA LYS A 390 -3.42 4.06 -18.77
C LYS A 390 -3.41 3.58 -17.32
N ARG A 391 -4.55 3.04 -16.89
CA ARG A 391 -4.67 2.54 -15.53
C ARG A 391 -4.18 1.10 -15.44
N ARG A 392 -3.69 0.74 -14.27
CA ARG A 392 -3.26 -0.62 -13.96
C ARG A 392 -4.31 -1.22 -13.02
N PHE A 393 -4.82 -2.40 -13.36
CA PHE A 393 -5.92 -3.00 -12.63
C PHE A 393 -5.40 -4.08 -11.67
N ASN A 394 -5.82 -3.99 -10.41
CA ASN A 394 -5.44 -4.92 -9.36
C ASN A 394 -6.58 -4.98 -8.36
N ASN A 395 -6.81 -6.16 -7.77
CA ASN A 395 -7.96 -6.29 -6.90
C ASN A 395 -7.87 -5.41 -5.66
N THR A 396 -6.65 -5.07 -5.23
N THR A 396 -6.67 -5.01 -5.24
CA THR A 396 -6.43 -4.30 -4.01
CA THR A 396 -6.60 -4.17 -4.06
C THR A 396 -5.74 -2.97 -4.26
C THR A 396 -5.63 -3.00 -4.16
N LEU A 397 -4.80 -2.92 -5.19
CA LEU A 397 -3.95 -1.75 -5.43
C LEU A 397 -4.58 -0.83 -6.47
N ARG A 398 -4.47 0.48 -6.25
CA ARG A 398 -4.86 1.51 -7.22
C ARG A 398 -3.60 2.18 -7.72
N GLY A 399 -3.47 2.26 -9.04
CA GLY A 399 -2.33 2.95 -9.60
C GLY A 399 -2.39 2.89 -11.11
N LEU A 400 -1.41 3.54 -11.72
CA LEU A 400 -1.38 3.66 -13.17
C LEU A 400 -0.39 2.69 -13.79
N GLU A 401 -0.68 2.31 -15.05
CA GLU A 401 0.20 1.51 -15.87
C GLU A 401 1.17 2.39 -16.64
N SER A 402 0.70 3.54 -17.11
CA SER A 402 1.52 4.43 -17.91
C SER A 402 1.08 5.87 -17.66
N LEU A 403 2.05 6.76 -17.49
CA LEU A 403 1.79 8.19 -17.21
C LEU A 403 2.78 9.01 -18.01
N PRO A 404 2.52 9.23 -19.29
CA PRO A 404 3.46 10.00 -20.12
C PRO A 404 3.46 11.46 -19.69
N VAL A 405 4.63 11.98 -19.33
CA VAL A 405 4.76 13.38 -18.95
C VAL A 405 6.01 13.97 -19.56
N LYS A 406 5.94 15.27 -19.84
CA LYS A 406 7.12 16.06 -20.15
C LYS A 406 7.55 16.78 -18.87
N LEU A 407 8.83 16.63 -18.51
CA LEU A 407 9.44 17.33 -17.38
C LEU A 407 10.21 18.52 -17.91
N THR A 408 9.84 19.73 -17.47
CA THR A 408 10.61 20.93 -17.80
C THR A 408 11.55 21.26 -16.66
N PRO A 409 12.84 21.44 -16.96
CA PRO A 409 13.80 21.75 -15.89
C PRO A 409 13.62 23.13 -15.30
N ALA A 410 13.87 23.23 -14.00
CA ALA A 410 13.80 24.50 -13.28
C ALA A 410 14.91 25.43 -13.76
#